data_7WW4
#
_entry.id   7WW4
#
_cell.length_a   120.940
_cell.length_b   120.940
_cell.length_c   70.050
_cell.angle_alpha   90.000
_cell.angle_beta   90.000
_cell.angle_gamma   120.000
#
_symmetry.space_group_name_H-M   'P 31 2 1'
#
loop_
_entity.id
_entity.type
_entity.pdbx_description
1 polymer beta-1,3(4)-glucanase
2 non-polymer 'CALCIUM ION'
3 non-polymer GLYCEROL
4 water water
#
_entity_poly.entity_id   1
_entity_poly.type   'polypeptide(L)'
_entity_poly.pdbx_seq_one_letter_code
;KFNWNKNQVIAHRGAWKKNNFPQNSIASLNEAVKLGCYGSEFDVWMTADHILVVNHDPEFQGLTIEKVNYADLLTKTMSN
GEKIPTLEAYLLAGKKQKSTKLILEIKPSLISKERGIEVTNKCVEMVQKLKVTDWVEYISFDYDYCKRILTLLPNAKVAY
LKGEVSAEQMKADKLTGVDYHYSVYQKDNWIENAQKLGLTVNAWTVNAVPEMQWLLAHNVDYITTNEPELLFDEIKKAPV
AQGWKLKWADEFDNSGLPLNKNWGYDVGGRGWGNNELQYYTDADSANAIVKKGNLNIIALKAEKENRHYTSARLVTKNKF
DFKYGRVEVRAMLPKGRGLWPAIWALPTDSKYGSWPKSGEIDIMEHVGFDPDSVHGTVHTEKFNHVIHTQVGKALKVNNP
YTEYHIYAIEWFTDHIDFFIDDQKYLTFKNTQKGSGDWPFDQNFHILNLAVGGNWGGKKGVDDAIFPATMKVDYVRVFQK
;
_entity_poly.pdbx_strand_id   A
#
# COMPACT_ATOMS: atom_id res chain seq x y z
N LYS A 1 27.42 0.75 20.98
CA LYS A 1 27.17 -0.61 21.46
C LYS A 1 26.32 -1.40 20.47
N PHE A 2 25.04 -1.06 20.39
CA PHE A 2 24.13 -1.78 19.51
C PHE A 2 24.24 -1.30 18.07
N ASN A 3 23.96 -2.21 17.14
CA ASN A 3 23.94 -1.91 15.71
C ASN A 3 22.58 -2.31 15.16
N TRP A 4 21.56 -1.54 15.50
CA TRP A 4 20.20 -1.87 15.11
C TRP A 4 20.01 -1.71 13.61
N ASN A 5 19.20 -2.59 13.02
CA ASN A 5 18.80 -2.45 11.63
C ASN A 5 17.71 -1.37 11.53
N LYS A 6 17.65 -0.73 10.36
CA LYS A 6 16.78 0.42 10.17
C LYS A 6 15.58 0.13 9.26
N ASN A 7 15.37 -1.13 8.89
CA ASN A 7 14.29 -1.47 7.98
C ASN A 7 12.94 -1.44 8.71
N GLN A 8 11.88 -1.69 7.96
CA GLN A 8 10.52 -1.74 8.49
C GLN A 8 10.03 -3.16 8.69
N VAL A 9 10.89 -4.15 8.49
CA VAL A 9 10.48 -5.56 8.53
C VAL A 9 10.38 -6.00 9.99
N ILE A 10 9.24 -6.59 10.33
CA ILE A 10 9.02 -7.23 11.63
C ILE A 10 8.61 -8.67 11.36
N ALA A 11 9.45 -9.61 11.80
CA ALA A 11 9.24 -11.02 11.49
C ALA A 11 8.12 -11.58 12.36
N HIS A 12 6.95 -11.80 11.75
CA HIS A 12 5.81 -12.37 12.44
C HIS A 12 6.11 -13.80 12.89
N ARG A 13 6.26 -14.00 14.21
CA ARG A 13 6.61 -15.29 14.79
C ARG A 13 7.96 -15.80 14.29
N GLY A 14 8.84 -14.88 13.90
CA GLY A 14 10.10 -15.25 13.30
C GLY A 14 9.98 -15.53 11.83
N ALA A 15 11.12 -15.86 11.21
CA ALA A 15 11.15 -16.20 9.79
C ALA A 15 10.94 -17.71 9.62
N TRP A 16 9.70 -18.13 9.91
CA TRP A 16 9.36 -19.54 9.97
C TRP A 16 8.97 -20.13 8.61
N LYS A 17 8.35 -19.34 7.74
CA LYS A 17 7.66 -19.92 6.58
C LYS A 17 8.65 -20.44 5.53
N LYS A 18 9.58 -19.60 5.10
CA LYS A 18 10.38 -19.92 3.92
C LYS A 18 11.22 -21.18 4.15
N ASN A 19 11.84 -21.32 5.32
CA ASN A 19 12.66 -22.47 5.63
C ASN A 19 11.92 -23.54 6.41
N ASN A 20 10.59 -23.41 6.54
CA ASN A 20 9.75 -24.39 7.22
C ASN A 20 10.17 -24.60 8.67
N PHE A 21 10.69 -23.55 9.30
CA PHE A 21 10.97 -23.61 10.73
C PHE A 21 9.66 -23.49 11.52
N PRO A 22 9.63 -24.01 12.74
CA PRO A 22 8.42 -23.87 13.56
C PRO A 22 8.16 -22.42 13.93
N GLN A 23 6.88 -22.08 14.03
CA GLN A 23 6.50 -20.73 14.43
C GLN A 23 6.80 -20.51 15.90
N ASN A 24 7.27 -19.31 16.23
CA ASN A 24 7.64 -18.93 17.59
C ASN A 24 8.67 -19.89 18.17
N SER A 25 9.74 -20.12 17.40
CA SER A 25 10.80 -21.03 17.79
C SER A 25 12.14 -20.31 17.72
N ILE A 26 13.15 -20.95 18.31
CA ILE A 26 14.50 -20.39 18.28
C ILE A 26 15.03 -20.31 16.85
N ALA A 27 14.74 -21.35 16.05
CA ALA A 27 15.15 -21.32 14.65
C ALA A 27 14.44 -20.21 13.90
N SER A 28 13.17 -19.94 14.23
CA SER A 28 12.45 -18.84 13.60
C SER A 28 13.04 -17.49 13.98
N LEU A 29 13.42 -17.33 15.26
CA LEU A 29 14.02 -16.07 15.70
C LEU A 29 15.39 -15.87 15.09
N ASN A 30 16.21 -16.92 15.06
CA ASN A 30 17.55 -16.81 14.50
C ASN A 30 17.52 -16.52 13.00
N GLU A 31 16.53 -17.08 12.29
CA GLU A 31 16.40 -16.80 10.87
C GLU A 31 16.07 -15.33 10.62
N ALA A 32 15.27 -14.73 11.51
CA ALA A 32 14.98 -13.30 11.38
C ALA A 32 16.22 -12.46 11.67
N VAL A 33 17.05 -12.89 12.63
CA VAL A 33 18.29 -12.20 12.91
C VAL A 33 19.24 -12.28 11.71
N LYS A 34 19.30 -13.46 11.07
CA LYS A 34 20.19 -13.63 9.93
C LYS A 34 19.76 -12.76 8.75
N LEU A 35 18.45 -12.63 8.52
CA LEU A 35 17.98 -11.82 7.41
C LEU A 35 18.25 -10.34 7.63
N GLY A 36 18.35 -9.90 8.87
CA GLY A 36 18.54 -8.49 9.15
C GLY A 36 17.28 -7.72 9.42
N CYS A 37 16.24 -8.38 9.92
CA CYS A 37 14.99 -7.71 10.21
C CYS A 37 15.18 -6.72 11.37
N TYR A 38 14.35 -5.67 11.35
CA TYR A 38 14.38 -4.71 12.45
C TYR A 38 14.05 -5.39 13.77
N GLY A 39 13.00 -6.21 13.79
CA GLY A 39 12.61 -6.91 15.00
C GLY A 39 11.93 -8.22 14.64
N SER A 40 11.93 -9.13 15.62
CA SER A 40 11.22 -10.39 15.53
C SER A 40 10.15 -10.40 16.62
N GLU A 41 8.94 -10.81 16.27
CA GLU A 41 7.83 -10.80 17.21
C GLU A 41 7.50 -12.22 17.65
N PHE A 42 6.99 -12.33 18.87
CA PHE A 42 6.66 -13.61 19.46
C PHE A 42 5.55 -13.40 20.48
N ASP A 43 4.84 -14.49 20.80
CA ASP A 43 3.70 -14.45 21.70
C ASP A 43 4.02 -15.25 22.95
N VAL A 44 3.74 -14.65 24.11
CA VAL A 44 4.09 -15.24 25.40
C VAL A 44 2.81 -15.63 26.15
N TRP A 45 2.80 -16.84 26.69
CA TRP A 45 1.77 -17.29 27.61
C TRP A 45 2.43 -17.71 28.92
N MET A 46 1.62 -17.81 29.97
CA MET A 46 2.09 -18.23 31.28
C MET A 46 1.51 -19.59 31.62
N THR A 47 2.38 -20.52 32.01
CA THR A 47 1.93 -21.85 32.40
C THR A 47 1.23 -21.80 33.76
N ALA A 48 0.64 -22.93 34.12
CA ALA A 48 -0.01 -23.02 35.43
C ALA A 48 0.98 -22.86 36.56
N ASP A 49 2.23 -23.30 36.35
CA ASP A 49 3.31 -23.09 37.32
C ASP A 49 4.02 -21.75 37.12
N HIS A 50 3.37 -20.80 36.44
CA HIS A 50 3.85 -19.43 36.29
C HIS A 50 5.19 -19.36 35.55
N ILE A 51 5.42 -20.30 34.65
CA ILE A 51 6.59 -20.27 33.78
C ILE A 51 6.18 -19.67 32.44
N LEU A 52 6.82 -18.57 32.05
CA LEU A 52 6.49 -17.92 30.79
C LEU A 52 7.05 -18.74 29.63
N VAL A 53 6.21 -18.95 28.62
CA VAL A 53 6.57 -19.73 27.44
C VAL A 53 6.22 -18.91 26.20
N VAL A 54 6.64 -19.42 25.04
CA VAL A 54 6.45 -18.73 23.76
C VAL A 54 5.62 -19.63 22.86
N ASN A 55 4.43 -19.17 22.51
CA ASN A 55 3.51 -19.87 21.63
C ASN A 55 2.37 -18.93 21.29
N HIS A 56 1.72 -19.16 20.15
CA HIS A 56 0.62 -18.30 19.73
C HIS A 56 -0.72 -18.84 20.19
N ASP A 57 -1.06 -20.07 19.80
CA ASP A 57 -2.32 -20.67 20.18
C ASP A 57 -2.38 -20.83 21.70
N PRO A 58 -3.58 -20.77 22.29
CA PRO A 58 -3.69 -21.00 23.73
C PRO A 58 -3.30 -22.41 24.14
N GLU A 59 -3.48 -23.39 23.25
CA GLU A 59 -3.15 -24.78 23.52
C GLU A 59 -1.95 -25.17 22.67
N PHE A 60 -0.89 -25.64 23.32
CA PHE A 60 0.34 -26.04 22.65
C PHE A 60 0.30 -27.55 22.45
N GLN A 61 0.21 -27.98 21.18
CA GLN A 61 0.22 -29.40 20.81
C GLN A 61 -0.87 -30.17 21.54
N GLY A 62 -2.05 -29.57 21.65
CA GLY A 62 -3.16 -30.18 22.36
C GLY A 62 -3.14 -29.97 23.86
N LEU A 63 -2.16 -29.25 24.39
CA LEU A 63 -2.06 -28.99 25.83
C LEU A 63 -2.34 -27.52 26.08
N THR A 64 -3.37 -27.25 26.89
CA THR A 64 -3.65 -25.88 27.30
C THR A 64 -2.49 -25.34 28.13
N ILE A 65 -1.90 -24.25 27.68
CA ILE A 65 -0.68 -23.75 28.31
C ILE A 65 -0.97 -23.22 29.70
N GLU A 66 -2.05 -22.46 29.86
CA GLU A 66 -2.34 -21.82 31.15
C GLU A 66 -2.80 -22.80 32.22
N LYS A 67 -3.32 -23.96 31.83
CA LYS A 67 -3.92 -24.90 32.77
C LYS A 67 -3.07 -26.14 32.99
N VAL A 68 -1.86 -26.19 32.44
CA VAL A 68 -0.99 -27.35 32.58
C VAL A 68 0.36 -26.89 33.13
N ASN A 69 1.04 -27.81 33.82
CA ASN A 69 2.38 -27.52 34.30
C ASN A 69 3.36 -27.44 33.15
N TYR A 70 4.38 -26.60 33.31
CA TYR A 70 5.37 -26.42 32.25
C TYR A 70 6.08 -27.73 31.91
N ALA A 71 6.22 -28.62 32.90
CA ALA A 71 6.86 -29.91 32.64
C ALA A 71 6.02 -30.77 31.71
N ASP A 72 4.70 -30.61 31.75
CA ASP A 72 3.84 -31.35 30.83
C ASP A 72 4.04 -30.89 29.39
N LEU A 73 4.36 -29.61 29.19
CA LEU A 73 4.56 -29.10 27.84
C LEU A 73 5.79 -29.71 27.17
N LEU A 74 6.77 -30.15 27.97
CA LEU A 74 7.99 -30.72 27.41
C LEU A 74 7.79 -32.12 26.86
N THR A 75 6.62 -32.73 27.11
CA THR A 75 6.29 -33.98 26.43
C THR A 75 6.23 -33.78 24.91
N LYS A 76 5.88 -32.58 24.48
CA LYS A 76 5.67 -32.28 23.07
C LYS A 76 6.95 -31.73 22.44
N THR A 77 7.13 -32.03 21.16
CA THR A 77 8.32 -31.65 20.42
C THR A 77 7.91 -31.04 19.08
N MET A 78 8.62 -30.00 18.67
CA MET A 78 8.29 -29.29 17.44
C MET A 78 8.85 -30.04 16.24
N SER A 79 8.62 -29.48 15.04
CA SER A 79 9.00 -30.16 13.81
C SER A 79 10.52 -30.29 13.68
N ASN A 80 11.26 -29.27 14.10
CA ASN A 80 12.71 -29.31 14.03
C ASN A 80 13.34 -29.93 15.28
N GLY A 81 12.53 -30.58 16.12
CA GLY A 81 13.03 -31.18 17.34
C GLY A 81 13.06 -30.26 18.54
N GLU A 82 12.67 -29.00 18.38
CA GLU A 82 12.73 -28.05 19.48
C GLU A 82 11.62 -28.30 20.49
N LYS A 83 11.91 -27.95 21.75
CA LYS A 83 10.88 -27.85 22.77
C LYS A 83 10.38 -26.41 22.85
N ILE A 84 9.17 -26.25 23.37
CA ILE A 84 8.55 -24.93 23.46
C ILE A 84 9.45 -24.00 24.25
N PRO A 85 9.94 -22.92 23.65
CA PRO A 85 10.92 -22.07 24.33
C PRO A 85 10.27 -21.22 25.41
N THR A 86 10.90 -21.19 26.57
CA THR A 86 10.49 -20.26 27.61
C THR A 86 10.86 -18.84 27.21
N LEU A 87 10.23 -17.86 27.89
CA LEU A 87 10.53 -16.47 27.58
C LEU A 87 11.99 -16.15 27.90
N GLU A 88 12.51 -16.67 29.00
CA GLU A 88 13.92 -16.48 29.33
C GLU A 88 14.80 -17.06 28.22
N ALA A 89 14.48 -18.27 27.75
CA ALA A 89 15.26 -18.87 26.67
C ALA A 89 15.21 -18.03 25.41
N TYR A 90 14.01 -17.55 25.04
CA TYR A 90 13.88 -16.71 23.85
C TYR A 90 14.61 -15.39 24.03
N LEU A 91 14.44 -14.75 25.20
CA LEU A 91 15.13 -13.49 25.46
C LEU A 91 16.64 -13.68 25.47
N LEU A 92 17.11 -14.79 26.04
CA LEU A 92 18.55 -15.03 26.09
C LEU A 92 19.12 -15.31 24.70
N ALA A 93 18.38 -16.05 23.87
CA ALA A 93 18.84 -16.35 22.53
C ALA A 93 18.93 -15.08 21.67
N GLY A 94 18.06 -14.10 21.92
CA GLY A 94 18.11 -12.84 21.21
C GLY A 94 19.08 -11.87 21.85
N LYS A 95 19.40 -12.11 23.13
CA LYS A 95 20.40 -11.31 23.82
C LYS A 95 21.79 -11.51 23.24
N LYS A 96 22.00 -12.58 22.49
CA LYS A 96 23.32 -12.90 21.94
C LYS A 96 23.64 -12.13 20.66
N GLN A 97 22.68 -11.35 20.13
CA GLN A 97 22.91 -10.51 18.97
C GLN A 97 22.49 -9.09 19.30
N LYS A 98 22.83 -8.16 18.41
CA LYS A 98 22.52 -6.74 18.60
C LYS A 98 21.92 -6.08 17.36
N SER A 99 21.54 -6.85 16.35
CA SER A 99 21.04 -6.29 15.11
C SER A 99 19.52 -6.25 15.02
N THR A 100 18.83 -7.18 15.68
CA THR A 100 17.38 -7.34 15.54
C THR A 100 16.71 -7.13 16.89
N LYS A 101 15.77 -6.19 16.94
CA LYS A 101 14.98 -5.97 18.14
C LYS A 101 14.11 -7.18 18.45
N LEU A 102 13.51 -7.18 19.64
CA LEU A 102 12.63 -8.26 20.09
C LEU A 102 11.26 -7.68 20.38
N ILE A 103 10.28 -8.04 19.56
CA ILE A 103 8.90 -7.58 19.72
C ILE A 103 8.14 -8.64 20.52
N LEU A 104 7.68 -8.26 21.70
CA LEU A 104 7.04 -9.19 22.63
C LEU A 104 5.55 -8.88 22.68
N GLU A 105 4.72 -9.89 22.42
CA GLU A 105 3.28 -9.78 22.52
C GLU A 105 2.79 -10.62 23.68
N ILE A 106 2.08 -10.00 24.62
CA ILE A 106 1.45 -10.71 25.72
C ILE A 106 0.03 -11.03 25.31
N LYS A 107 -0.25 -12.32 25.12
CA LYS A 107 -1.59 -12.74 24.73
C LYS A 107 -2.56 -12.54 25.88
N PRO A 108 -3.77 -12.05 25.62
CA PRO A 108 -4.75 -11.88 26.69
C PRO A 108 -5.09 -13.21 27.34
N SER A 109 -5.18 -13.19 28.67
CA SER A 109 -5.41 -14.41 29.43
C SER A 109 -6.82 -14.94 29.19
N LEU A 110 -6.92 -16.24 28.92
CA LEU A 110 -8.22 -16.90 28.83
C LEU A 110 -8.76 -17.30 30.19
N ILE A 111 -8.14 -16.83 31.27
CA ILE A 111 -8.54 -17.17 32.63
C ILE A 111 -9.21 -15.96 33.27
N SER A 112 -8.44 -14.90 33.48
CA SER A 112 -8.92 -13.69 34.12
C SER A 112 -7.99 -12.54 33.76
N LYS A 113 -8.52 -11.32 33.83
CA LYS A 113 -7.69 -10.15 33.58
C LYS A 113 -6.60 -10.01 34.64
N GLU A 114 -6.88 -10.42 35.88
CA GLU A 114 -5.88 -10.35 36.93
C GLU A 114 -4.70 -11.26 36.62
N ARG A 115 -4.98 -12.49 36.18
CA ARG A 115 -3.89 -13.40 35.81
C ARG A 115 -3.08 -12.84 34.64
N GLY A 116 -3.76 -12.24 33.66
CA GLY A 116 -3.06 -11.63 32.55
C GLY A 116 -2.29 -10.38 32.95
N ILE A 117 -2.77 -9.67 33.97
CA ILE A 117 -2.00 -8.56 34.52
C ILE A 117 -0.74 -9.08 35.21
N GLU A 118 -0.83 -10.25 35.84
CA GLU A 118 0.34 -10.86 36.46
C GLU A 118 1.36 -11.28 35.40
N VAL A 119 0.90 -11.83 34.28
CA VAL A 119 1.80 -12.14 33.18
C VAL A 119 2.53 -10.89 32.72
N THR A 120 1.82 -9.77 32.63
CA THR A 120 2.44 -8.51 32.25
C THR A 120 3.53 -8.11 33.25
N ASN A 121 3.27 -8.29 34.54
CA ASN A 121 4.29 -8.00 35.54
C ASN A 121 5.45 -8.96 35.46
N LYS A 122 5.17 -10.25 35.23
CA LYS A 122 6.24 -11.24 35.15
C LYS A 122 7.13 -11.00 33.92
N CYS A 123 6.52 -10.56 32.82
CA CYS A 123 7.31 -10.27 31.61
C CYS A 123 8.29 -9.12 31.86
N VAL A 124 7.83 -8.07 32.56
CA VAL A 124 8.68 -6.91 32.79
C VAL A 124 9.83 -7.27 33.72
N GLU A 125 9.56 -8.06 34.77
CA GLU A 125 10.61 -8.45 35.69
C GLU A 125 11.71 -9.24 34.98
N MET A 126 11.32 -10.20 34.15
CA MET A 126 12.31 -11.00 33.43
C MET A 126 13.08 -10.16 32.41
N VAL A 127 12.42 -9.17 31.80
CA VAL A 127 13.13 -8.26 30.90
C VAL A 127 14.16 -7.45 31.68
N GLN A 128 13.78 -6.98 32.88
CA GLN A 128 14.74 -6.28 33.72
C GLN A 128 15.79 -7.23 34.30
N LYS A 129 15.36 -8.46 34.63
CA LYS A 129 16.29 -9.42 35.23
C LYS A 129 17.41 -9.78 34.27
N LEU A 130 17.09 -10.00 33.01
CA LEU A 130 18.08 -10.32 32.00
C LEU A 130 18.71 -9.08 31.38
N LYS A 131 18.33 -7.89 31.83
CA LYS A 131 18.88 -6.62 31.35
C LYS A 131 18.74 -6.50 29.83
N VAL A 132 17.51 -6.65 29.34
CA VAL A 132 17.24 -6.64 27.91
C VAL A 132 16.15 -5.63 27.59
N THR A 133 16.03 -4.57 28.40
CA THR A 133 15.02 -3.55 28.13
C THR A 133 15.29 -2.84 26.81
N ASP A 134 16.55 -2.80 26.36
CA ASP A 134 16.88 -2.21 25.08
C ASP A 134 16.49 -3.10 23.91
N TRP A 135 16.26 -4.38 24.14
CA TRP A 135 15.88 -5.31 23.09
C TRP A 135 14.37 -5.43 22.91
N VAL A 136 13.61 -5.33 24.00
CA VAL A 136 12.21 -5.71 24.00
C VAL A 136 11.34 -4.50 23.69
N GLU A 137 10.42 -4.67 22.75
CA GLU A 137 9.31 -3.75 22.52
C GLU A 137 8.01 -4.53 22.66
N TYR A 138 6.98 -3.87 23.19
CA TYR A 138 5.78 -4.55 23.64
C TYR A 138 4.58 -4.19 22.78
N ILE A 139 3.81 -5.22 22.41
CA ILE A 139 2.53 -5.07 21.75
C ILE A 139 1.54 -6.00 22.45
N SER A 140 0.26 -5.63 22.44
CA SER A 140 -0.72 -6.44 23.15
C SER A 140 -2.12 -6.09 22.68
N PHE A 141 -3.01 -7.08 22.77
CA PHE A 141 -4.43 -6.87 22.48
C PHE A 141 -5.17 -6.27 23.66
N ASP A 142 -4.72 -6.57 24.88
CA ASP A 142 -5.36 -6.04 26.08
C ASP A 142 -4.82 -4.65 26.37
N TYR A 143 -5.71 -3.66 26.45
CA TYR A 143 -5.29 -2.28 26.65
C TYR A 143 -4.74 -2.06 28.06
N ASP A 144 -5.24 -2.81 29.04
CA ASP A 144 -4.74 -2.65 30.41
C ASP A 144 -3.32 -3.17 30.56
N TYR A 145 -2.99 -4.26 29.85
CA TYR A 145 -1.60 -4.73 29.85
C TYR A 145 -0.69 -3.66 29.28
N CYS A 146 -1.15 -2.96 28.23
CA CYS A 146 -0.36 -1.87 27.67
C CYS A 146 -0.14 -0.76 28.67
N LYS A 147 -1.19 -0.42 29.44
CA LYS A 147 -1.04 0.61 30.46
C LYS A 147 -0.19 0.12 31.64
N ARG A 148 -0.24 -1.19 31.93
CA ARG A 148 0.58 -1.72 33.02
C ARG A 148 2.06 -1.71 32.65
N ILE A 149 2.38 -2.04 31.39
CA ILE A 149 3.76 -1.99 30.94
C ILE A 149 4.31 -0.58 31.10
N LEU A 150 3.51 0.43 30.76
CA LEU A 150 3.96 1.81 30.87
C LEU A 150 4.15 2.23 32.32
N THR A 151 3.36 1.65 33.23
CA THR A 151 3.51 1.97 34.65
C THR A 151 4.83 1.45 35.19
N LEU A 152 5.17 0.20 34.89
CA LEU A 152 6.40 -0.38 35.42
C LEU A 152 7.63 0.17 34.70
N LEU A 153 7.52 0.40 33.39
CA LEU A 153 8.60 1.00 32.60
C LEU A 153 8.04 2.22 31.87
N PRO A 154 8.35 3.43 32.34
CA PRO A 154 7.70 4.62 31.78
C PRO A 154 8.07 4.89 30.32
N ASN A 155 9.25 4.47 29.87
CA ASN A 155 9.68 4.73 28.50
C ASN A 155 9.84 3.44 27.71
N ALA A 156 9.03 2.43 28.02
CA ALA A 156 9.03 1.20 27.24
C ALA A 156 8.22 1.40 25.97
N LYS A 157 8.63 0.71 24.90
CA LYS A 157 7.90 0.74 23.65
C LYS A 157 6.64 -0.11 23.79
N VAL A 158 5.48 0.52 23.66
CA VAL A 158 4.20 -0.17 23.82
C VAL A 158 3.33 0.14 22.61
N ALA A 159 2.61 -0.87 22.14
CA ALA A 159 1.72 -0.73 20.99
C ALA A 159 0.44 -1.52 21.23
N TYR A 160 -0.64 -1.03 20.65
CA TYR A 160 -1.97 -1.61 20.83
C TYR A 160 -2.39 -2.35 19.56
N LEU A 161 -3.05 -3.49 19.73
CA LEU A 161 -3.43 -4.35 18.62
C LEU A 161 -4.91 -4.30 18.26
N LYS A 162 -5.76 -3.73 19.12
CA LYS A 162 -7.17 -3.57 18.82
C LYS A 162 -7.42 -2.17 18.30
N GLY A 163 -8.20 -2.08 17.21
CA GLY A 163 -8.46 -0.81 16.56
C GLY A 163 -9.55 0.04 17.18
N GLU A 164 -10.01 -0.29 18.38
CA GLU A 164 -11.14 0.41 18.96
C GLU A 164 -10.75 1.77 19.53
N VAL A 165 -9.57 1.88 20.13
CA VAL A 165 -9.16 3.11 20.81
C VAL A 165 -8.54 4.06 19.80
N SER A 166 -8.93 5.34 19.89
CA SER A 166 -8.47 6.35 18.95
C SER A 166 -6.97 6.62 19.12
N ALA A 167 -6.37 7.17 18.06
CA ALA A 167 -4.95 7.50 18.11
C ALA A 167 -4.67 8.61 19.11
N GLU A 168 -5.59 9.56 19.25
CA GLU A 168 -5.38 10.67 20.19
C GLU A 168 -5.41 10.20 21.65
N GLN A 169 -6.19 9.15 21.97
CA GLN A 169 -6.28 8.69 23.35
C GLN A 169 -5.13 7.77 23.69
N MET A 170 -4.60 7.05 22.68
CA MET A 170 -3.40 6.24 22.88
C MET A 170 -2.24 7.12 23.31
N LYS A 171 -2.06 8.26 22.65
CA LYS A 171 -1.01 9.19 23.07
C LYS A 171 -1.31 9.78 24.44
N ALA A 172 -2.60 9.91 24.81
CA ALA A 172 -2.95 10.42 26.12
C ALA A 172 -2.47 9.48 27.23
N ASP A 173 -2.59 8.17 27.01
CA ASP A 173 -2.11 7.17 27.94
C ASP A 173 -0.65 6.84 27.74
N LYS A 174 0.05 7.58 26.88
CA LYS A 174 1.50 7.49 26.70
C LYS A 174 1.92 6.16 26.07
N LEU A 175 1.10 5.62 25.17
CA LEU A 175 1.57 4.55 24.31
C LEU A 175 2.51 5.12 23.25
N THR A 176 3.36 4.25 22.71
CA THR A 176 4.39 4.70 21.77
C THR A 176 4.07 4.38 20.32
N GLY A 177 3.16 3.44 20.05
CA GLY A 177 2.85 3.09 18.68
C GLY A 177 1.50 2.43 18.56
N VAL A 178 1.00 2.41 17.33
CA VAL A 178 -0.23 1.72 16.98
C VAL A 178 0.13 0.53 16.10
N ASP A 179 -0.48 -0.62 16.38
CA ASP A 179 -0.18 -1.87 15.67
C ASP A 179 -1.50 -2.55 15.31
N TYR A 180 -2.26 -1.92 14.42
CA TYR A 180 -3.56 -2.42 14.01
C TYR A 180 -3.43 -3.27 12.75
N HIS A 181 -4.39 -4.17 12.57
CA HIS A 181 -4.50 -4.92 11.32
C HIS A 181 -4.62 -3.96 10.15
N TYR A 182 -4.01 -4.33 9.02
CA TYR A 182 -3.87 -3.39 7.91
C TYR A 182 -5.21 -2.96 7.32
N SER A 183 -6.28 -3.72 7.55
CA SER A 183 -7.60 -3.31 7.07
C SER A 183 -8.10 -2.07 7.80
N VAL A 184 -7.68 -1.87 9.05
CA VAL A 184 -8.12 -0.71 9.81
C VAL A 184 -7.58 0.58 9.21
N TYR A 185 -6.38 0.53 8.63
CA TYR A 185 -5.73 1.74 8.14
C TYR A 185 -6.33 2.25 6.84
N GLN A 186 -7.27 1.53 6.24
CA GLN A 186 -7.86 1.97 4.99
C GLN A 186 -8.97 2.99 5.25
N LYS A 187 -8.66 4.04 6.00
CA LYS A 187 -9.58 5.13 6.28
C LYS A 187 -8.80 6.43 6.18
N ASP A 188 -9.07 7.20 5.12
CA ASP A 188 -8.36 8.44 4.85
C ASP A 188 -7.56 8.96 6.03
N ASN A 189 -6.25 9.15 5.82
CA ASN A 189 -5.33 9.88 6.70
C ASN A 189 -5.01 9.15 8.01
N TRP A 190 -5.54 7.93 8.23
CA TRP A 190 -5.32 7.27 9.51
C TRP A 190 -3.84 7.03 9.77
N ILE A 191 -3.10 6.57 8.76
CA ILE A 191 -1.68 6.28 8.94
C ILE A 191 -0.92 7.56 9.23
N GLU A 192 -1.20 8.63 8.47
CA GLU A 192 -0.49 9.88 8.65
C GLU A 192 -1.06 10.73 9.78
N ASN A 193 -2.26 10.42 10.27
CA ASN A 193 -2.76 11.08 11.46
C ASN A 193 -1.96 10.65 12.69
N ALA A 194 -1.88 9.34 12.93
CA ALA A 194 -1.16 8.84 14.09
C ALA A 194 0.30 9.26 14.06
N GLN A 195 0.90 9.32 12.86
CA GLN A 195 2.28 9.78 12.76
C GLN A 195 2.40 11.27 13.08
N LYS A 196 1.35 12.06 12.78
CA LYS A 196 1.36 13.47 13.14
C LYS A 196 1.48 13.65 14.64
N LEU A 197 0.74 12.86 15.41
CA LEU A 197 0.78 12.94 16.87
C LEU A 197 1.99 12.21 17.47
N GLY A 198 2.91 11.74 16.64
CA GLY A 198 4.14 11.14 17.13
C GLY A 198 4.10 9.66 17.42
N LEU A 199 3.05 8.96 17.00
CA LEU A 199 2.90 7.54 17.24
C LEU A 199 3.40 6.75 16.04
N THR A 200 4.25 5.76 16.29
CA THR A 200 4.69 4.87 15.22
C THR A 200 3.52 4.01 14.76
N VAL A 201 3.55 3.62 13.48
CA VAL A 201 2.48 2.85 12.86
C VAL A 201 3.02 1.50 12.45
N ASN A 202 2.31 0.44 12.82
CA ASN A 202 2.69 -0.93 12.47
C ASN A 202 1.44 -1.67 12.00
N ALA A 203 1.61 -2.49 10.97
CA ALA A 203 0.53 -3.30 10.42
C ALA A 203 0.96 -4.76 10.39
N TRP A 204 0.05 -5.64 10.77
CA TRP A 204 0.37 -7.06 10.88
C TRP A 204 -0.50 -7.89 9.95
N THR A 205 -0.10 -9.15 9.79
CA THR A 205 -0.73 -10.09 8.87
C THR A 205 -0.70 -9.57 7.43
N VAL A 206 0.42 -8.97 7.06
CA VAL A 206 0.61 -8.39 5.73
C VAL A 206 1.53 -9.35 4.96
N ASN A 207 0.94 -10.16 4.08
CA ASN A 207 1.69 -11.14 3.32
C ASN A 207 1.61 -10.95 1.81
N ALA A 208 0.92 -9.92 1.34
CA ALA A 208 0.68 -9.73 -0.09
C ALA A 208 1.39 -8.47 -0.58
N VAL A 209 1.84 -8.52 -1.84
CA VAL A 209 2.62 -7.42 -2.40
C VAL A 209 1.82 -6.12 -2.50
N PRO A 210 0.60 -6.10 -3.04
CA PRO A 210 -0.12 -4.82 -3.15
C PRO A 210 -0.30 -4.11 -1.81
N GLU A 211 -0.49 -4.86 -0.73
CA GLU A 211 -0.64 -4.25 0.58
C GLU A 211 0.68 -3.73 1.10
N MET A 212 1.77 -4.47 0.85
CA MET A 212 3.10 -3.99 1.24
C MET A 212 3.44 -2.71 0.50
N GLN A 213 3.18 -2.67 -0.82
CA GLN A 213 3.43 -1.46 -1.58
C GLN A 213 2.58 -0.30 -1.07
N TRP A 214 1.32 -0.57 -0.75
CA TRP A 214 0.43 0.47 -0.23
C TRP A 214 0.93 0.99 1.12
N LEU A 215 1.43 0.09 1.96
CA LEU A 215 1.95 0.52 3.26
C LEU A 215 3.25 1.29 3.10
N LEU A 216 4.13 0.85 2.21
CA LEU A 216 5.37 1.58 1.96
C LEU A 216 5.11 2.91 1.26
N ALA A 217 4.07 2.98 0.44
CA ALA A 217 3.73 4.24 -0.22
C ALA A 217 3.35 5.30 0.80
N HIS A 218 2.55 4.93 1.79
CA HIS A 218 2.19 5.85 2.87
C HIS A 218 3.24 5.89 3.98
N ASN A 219 4.37 5.21 3.78
CA ASN A 219 5.53 5.29 4.67
C ASN A 219 5.17 4.89 6.11
N VAL A 220 4.63 3.67 6.24
CA VAL A 220 4.37 3.12 7.55
C VAL A 220 5.70 2.77 8.22
N ASP A 221 5.72 2.79 9.55
CA ASP A 221 6.97 2.62 10.28
C ASP A 221 7.44 1.17 10.24
N TYR A 222 6.54 0.23 10.50
CA TYR A 222 6.90 -1.18 10.50
C TYR A 222 5.79 -1.98 9.83
N ILE A 223 6.16 -3.14 9.27
CA ILE A 223 5.22 -4.05 8.63
C ILE A 223 5.49 -5.45 9.17
N THR A 224 4.61 -5.93 10.04
CA THR A 224 4.68 -7.31 10.49
C THR A 224 4.25 -8.24 9.37
N THR A 225 5.06 -9.24 9.06
CA THR A 225 4.86 -10.05 7.88
C THR A 225 5.26 -11.50 8.14
N ASN A 226 4.58 -12.41 7.45
CA ASN A 226 4.97 -13.81 7.39
C ASN A 226 5.85 -14.11 6.18
N GLU A 227 6.14 -13.10 5.36
CA GLU A 227 7.04 -13.23 4.21
C GLU A 227 8.10 -12.15 4.31
N PRO A 228 9.04 -12.28 5.25
CA PRO A 228 10.05 -11.21 5.41
C PRO A 228 10.98 -11.08 4.23
N GLU A 229 11.32 -12.19 3.57
CA GLU A 229 12.21 -12.11 2.42
C GLU A 229 11.54 -11.41 1.24
N LEU A 230 10.24 -11.64 1.05
CA LEU A 230 9.51 -10.95 0.00
C LEU A 230 9.41 -9.46 0.29
N LEU A 231 9.24 -9.10 1.56
CA LEU A 231 9.13 -7.68 1.92
C LEU A 231 10.42 -6.93 1.62
N PHE A 232 11.57 -7.57 1.86
CA PHE A 232 12.84 -6.93 1.56
C PHE A 232 12.96 -6.61 0.07
N ASP A 233 12.55 -7.56 -0.78
CA ASP A 233 12.58 -7.32 -2.22
C ASP A 233 11.70 -6.13 -2.60
N GLU A 234 10.51 -6.04 -2.00
CA GLU A 234 9.60 -4.94 -2.31
C GLU A 234 10.08 -3.62 -1.70
N ILE A 235 10.90 -3.67 -0.66
CA ILE A 235 11.44 -2.44 -0.08
C ILE A 235 12.43 -1.79 -1.04
N LYS A 236 13.25 -2.61 -1.71
CA LYS A 236 14.18 -2.07 -2.69
C LYS A 236 13.45 -1.57 -3.94
N LYS A 237 12.34 -2.20 -4.30
CA LYS A 237 11.61 -1.82 -5.50
C LYS A 237 10.73 -0.59 -5.29
N ALA A 238 10.28 -0.37 -4.06
CA ALA A 238 9.34 0.72 -3.78
C ALA A 238 9.97 2.06 -4.13
N PRO A 239 9.16 3.02 -4.57
CA PRO A 239 9.72 4.34 -4.92
C PRO A 239 10.33 5.08 -3.75
N VAL A 240 9.91 4.77 -2.52
CA VAL A 240 10.51 5.41 -1.35
C VAL A 240 11.98 5.09 -1.22
N ALA A 241 12.43 3.97 -1.78
CA ALA A 241 13.85 3.65 -1.77
C ALA A 241 14.63 4.53 -2.73
N GLN A 242 13.98 5.04 -3.77
CA GLN A 242 14.62 5.92 -4.74
C GLN A 242 14.50 7.39 -4.37
N GLY A 243 14.11 7.69 -3.13
CA GLY A 243 13.95 9.05 -2.68
C GLY A 243 12.56 9.63 -2.84
N TRP A 244 11.68 8.95 -3.56
CA TRP A 244 10.33 9.45 -3.76
C TRP A 244 9.55 9.48 -2.45
N LYS A 245 8.83 10.57 -2.23
CA LYS A 245 7.98 10.73 -1.06
C LYS A 245 6.58 11.08 -1.52
N LEU A 246 5.59 10.37 -0.98
CA LEU A 246 4.20 10.53 -1.44
C LEU A 246 3.65 11.88 -1.02
N LYS A 247 3.15 12.64 -1.99
CA LYS A 247 2.53 13.94 -1.74
C LYS A 247 1.01 13.90 -1.78
N TRP A 248 0.43 13.09 -2.68
CA TRP A 248 -1.01 13.00 -2.81
C TRP A 248 -1.35 11.61 -3.32
N ALA A 249 -2.40 11.01 -2.75
CA ALA A 249 -2.81 9.67 -3.14
C ALA A 249 -4.28 9.48 -2.83
N ASP A 250 -4.96 8.74 -3.71
CA ASP A 250 -6.34 8.31 -3.48
C ASP A 250 -6.38 6.80 -3.68
N GLU A 251 -6.52 6.07 -2.58
CA GLU A 251 -6.58 4.60 -2.62
C GLU A 251 -7.99 4.08 -2.83
N PHE A 252 -8.98 4.96 -2.88
CA PHE A 252 -10.36 4.61 -3.22
C PHE A 252 -10.98 3.65 -2.20
N ASP A 253 -10.72 3.90 -0.93
CA ASP A 253 -11.50 3.30 0.14
C ASP A 253 -12.77 4.09 0.44
N ASN A 254 -13.16 4.99 -0.47
CA ASN A 254 -14.21 5.96 -0.19
C ASN A 254 -15.58 5.31 -0.13
N SER A 255 -15.83 4.28 -0.96
CA SER A 255 -17.08 3.53 -0.95
C SER A 255 -18.29 4.46 -1.19
N GLY A 256 -18.36 4.96 -2.41
CA GLY A 256 -19.43 5.85 -2.82
C GLY A 256 -19.15 6.53 -4.14
N LEU A 257 -19.36 7.84 -4.20
CA LEU A 257 -18.98 8.56 -5.40
C LEU A 257 -17.61 9.19 -5.22
N PRO A 258 -16.87 9.38 -6.32
CA PRO A 258 -15.51 9.95 -6.21
C PRO A 258 -15.49 11.20 -5.34
N LEU A 259 -14.47 11.27 -4.49
CA LEU A 259 -14.41 12.30 -3.45
C LEU A 259 -14.30 13.69 -4.07
N ASN A 260 -15.15 14.61 -3.62
CA ASN A 260 -15.11 15.99 -4.08
C ASN A 260 -13.80 16.67 -3.71
N LYS A 261 -13.05 16.13 -2.75
CA LYS A 261 -11.76 16.68 -2.39
C LYS A 261 -10.69 16.38 -3.43
N ASN A 262 -10.88 15.34 -4.24
CA ASN A 262 -9.85 14.85 -5.13
C ASN A 262 -10.17 14.99 -6.61
N TRP A 263 -11.45 14.92 -7.00
CA TRP A 263 -11.82 14.79 -8.40
C TRP A 263 -12.92 15.75 -8.77
N GLY A 264 -12.77 16.36 -9.95
CA GLY A 264 -13.84 17.06 -10.61
C GLY A 264 -14.31 16.26 -11.81
N TYR A 265 -15.47 16.66 -12.34
CA TYR A 265 -16.10 15.95 -13.46
C TYR A 265 -16.00 16.78 -14.73
N ASP A 266 -15.45 16.18 -15.78
CA ASP A 266 -15.58 16.74 -17.11
C ASP A 266 -16.92 16.30 -17.69
N VAL A 267 -17.76 17.26 -18.05
CA VAL A 267 -19.13 17.00 -18.45
C VAL A 267 -19.36 17.53 -19.86
N GLY A 268 -20.02 16.74 -20.68
CA GLY A 268 -20.36 17.12 -22.04
C GLY A 268 -20.23 15.96 -22.99
N GLY A 269 -20.90 16.09 -24.14
CA GLY A 269 -20.84 15.08 -25.18
C GLY A 269 -20.57 15.67 -26.54
N ARG A 270 -19.66 16.65 -26.60
CA ARG A 270 -19.35 17.37 -27.84
C ARG A 270 -18.08 16.85 -28.50
N GLY A 271 -17.86 15.54 -28.48
CA GLY A 271 -16.72 14.95 -29.16
C GLY A 271 -15.42 14.97 -28.39
N TRP A 272 -15.25 16.00 -27.56
CA TRP A 272 -14.06 16.15 -26.71
C TRP A 272 -12.77 16.20 -27.54
N GLY A 273 -12.86 16.76 -28.74
CA GLY A 273 -11.69 16.94 -29.60
C GLY A 273 -11.35 15.76 -30.48
N ASN A 274 -11.98 14.60 -30.27
CA ASN A 274 -11.68 13.42 -31.06
C ASN A 274 -12.94 12.76 -31.62
N ASN A 275 -14.05 13.51 -31.71
CA ASN A 275 -15.32 12.99 -32.21
C ASN A 275 -15.75 11.75 -31.43
N GLU A 276 -15.59 11.81 -30.11
CA GLU A 276 -15.93 10.68 -29.27
C GLU A 276 -17.44 10.50 -29.18
N LEU A 277 -17.87 9.26 -28.97
CA LEU A 277 -19.28 8.90 -29.05
C LEU A 277 -20.01 8.99 -27.71
N GLN A 278 -19.30 9.20 -26.61
CA GLN A 278 -19.90 9.12 -25.29
C GLN A 278 -20.22 10.51 -24.73
N TYR A 279 -21.20 10.55 -23.83
CA TYR A 279 -21.48 11.72 -23.01
C TYR A 279 -20.93 11.45 -21.62
N TYR A 280 -20.05 12.33 -21.15
CA TYR A 280 -19.50 12.19 -19.80
C TYR A 280 -20.48 12.81 -18.80
N THR A 281 -20.95 12.00 -17.86
CA THR A 281 -21.97 12.44 -16.92
C THR A 281 -21.32 13.17 -15.74
N ASP A 282 -22.17 13.84 -14.96
CA ASP A 282 -21.75 14.66 -13.83
C ASP A 282 -22.27 14.04 -12.53
N ALA A 283 -21.36 13.46 -11.75
CA ALA A 283 -21.71 12.91 -10.44
C ALA A 283 -22.81 11.85 -10.52
N ASP A 284 -22.72 10.99 -11.53
CA ASP A 284 -23.70 9.94 -11.74
C ASP A 284 -23.09 8.60 -11.33
N SER A 285 -23.68 7.96 -10.33
CA SER A 285 -23.17 6.69 -9.83
C SER A 285 -23.23 5.58 -10.86
N ALA A 286 -23.90 5.79 -11.99
CA ALA A 286 -23.95 4.78 -13.03
C ALA A 286 -22.68 4.75 -13.89
N ASN A 287 -21.89 5.83 -13.87
CA ASN A 287 -20.65 5.89 -14.65
C ASN A 287 -19.40 6.01 -13.79
N ALA A 288 -19.50 6.54 -12.58
CA ALA A 288 -18.35 6.66 -11.68
C ALA A 288 -18.81 6.29 -10.28
N ILE A 289 -18.27 5.19 -9.75
CA ILE A 289 -18.64 4.71 -8.42
C ILE A 289 -17.43 4.05 -7.79
N VAL A 290 -17.24 4.29 -6.50
CA VAL A 290 -16.16 3.68 -5.73
C VAL A 290 -16.77 2.57 -4.90
N LYS A 291 -16.43 1.33 -5.20
CA LYS A 291 -16.95 0.18 -4.48
C LYS A 291 -15.86 -0.87 -4.32
N LYS A 292 -15.77 -1.42 -3.11
CA LYS A 292 -14.86 -2.53 -2.80
C LYS A 292 -13.40 -2.15 -3.02
N GLY A 293 -13.06 -0.90 -2.69
CA GLY A 293 -11.68 -0.46 -2.71
C GLY A 293 -11.14 -0.02 -4.06
N ASN A 294 -11.96 0.01 -5.09
CA ASN A 294 -11.51 0.39 -6.43
C ASN A 294 -12.49 1.37 -7.05
N LEU A 295 -11.96 2.39 -7.70
CA LEU A 295 -12.78 3.30 -8.48
C LEU A 295 -13.27 2.60 -9.74
N ASN A 296 -14.55 2.78 -10.06
CA ASN A 296 -15.18 2.13 -11.21
C ASN A 296 -15.67 3.19 -12.18
N ILE A 297 -14.97 3.34 -13.30
CA ILE A 297 -15.46 4.15 -14.42
C ILE A 297 -16.15 3.20 -15.38
N ILE A 298 -17.45 3.40 -15.58
CA ILE A 298 -18.29 2.45 -16.30
C ILE A 298 -18.90 3.16 -17.51
N ALA A 299 -18.66 2.61 -18.69
CA ALA A 299 -19.31 3.06 -19.91
C ALA A 299 -20.56 2.21 -20.15
N LEU A 300 -21.70 2.87 -20.35
CA LEU A 300 -22.97 2.20 -20.52
C LEU A 300 -23.55 2.54 -21.89
N LYS A 301 -24.09 1.52 -22.56
CA LYS A 301 -24.80 1.72 -23.83
C LYS A 301 -26.18 2.31 -23.50
N ALA A 302 -26.18 3.60 -23.20
CA ALA A 302 -27.39 4.30 -22.80
C ALA A 302 -27.39 5.70 -23.40
N GLU A 303 -28.57 6.18 -23.77
CA GLU A 303 -28.69 7.48 -24.40
C GLU A 303 -28.47 8.59 -23.37
N LYS A 304 -27.82 9.66 -23.81
CA LYS A 304 -27.57 10.82 -22.95
C LYS A 304 -27.47 12.03 -23.87
N GLU A 305 -28.48 12.90 -23.80
CA GLU A 305 -28.61 14.04 -24.72
C GLU A 305 -28.56 13.56 -26.16
N ASN A 306 -27.58 14.02 -26.92
CA ASN A 306 -27.41 13.63 -28.32
C ASN A 306 -26.35 12.57 -28.51
N ARG A 307 -26.19 11.66 -27.54
CA ARG A 307 -25.19 10.61 -27.62
C ARG A 307 -25.81 9.29 -27.20
N HIS A 308 -25.29 8.20 -27.77
CA HIS A 308 -25.77 6.85 -27.51
C HIS A 308 -25.04 6.15 -26.36
N TYR A 309 -23.97 6.75 -25.86
CA TYR A 309 -23.19 6.16 -24.77
C TYR A 309 -22.95 7.19 -23.68
N THR A 310 -22.94 6.73 -22.44
CA THR A 310 -22.57 7.55 -21.29
C THR A 310 -21.37 6.93 -20.58
N SER A 311 -20.52 7.79 -20.04
CA SER A 311 -19.33 7.33 -19.32
C SER A 311 -18.93 8.41 -18.32
N ALA A 312 -17.70 8.35 -17.83
CA ALA A 312 -17.20 9.29 -16.84
C ALA A 312 -15.81 9.77 -17.25
N ARG A 313 -15.45 10.95 -16.75
CA ARG A 313 -14.14 11.53 -16.99
C ARG A 313 -13.79 12.37 -15.77
N LEU A 314 -13.00 11.80 -14.86
CA LEU A 314 -12.65 12.47 -13.61
C LEU A 314 -11.34 13.22 -13.75
N VAL A 315 -11.31 14.45 -13.22
CA VAL A 315 -10.16 15.32 -13.37
C VAL A 315 -9.72 15.81 -12.00
N THR A 316 -8.41 15.84 -11.78
CA THR A 316 -7.84 16.38 -10.55
C THR A 316 -7.57 17.87 -10.64
N LYS A 317 -7.97 18.52 -11.73
CA LYS A 317 -7.65 19.92 -11.95
C LYS A 317 -8.24 20.81 -10.87
N ASN A 318 -7.49 21.86 -10.53
CA ASN A 318 -7.89 22.87 -9.55
C ASN A 318 -8.02 22.28 -8.14
N LYS A 319 -7.71 21.00 -7.98
CA LYS A 319 -7.76 20.34 -6.68
C LYS A 319 -6.38 19.82 -6.26
N PHE A 320 -5.69 19.12 -7.14
CA PHE A 320 -4.29 18.77 -6.93
C PHE A 320 -3.55 18.87 -8.25
N ASP A 321 -2.57 19.77 -8.31
CA ASP A 321 -1.69 19.88 -9.46
C ASP A 321 -0.25 19.77 -8.96
N PHE A 322 0.65 19.39 -9.85
CA PHE A 322 2.05 19.20 -9.48
C PHE A 322 2.96 19.45 -10.67
N LYS A 323 4.19 19.81 -10.37
CA LYS A 323 5.27 19.88 -11.35
C LYS A 323 6.32 18.85 -10.95
N TYR A 324 6.70 17.99 -11.90
CA TYR A 324 7.64 16.89 -11.67
C TYR A 324 7.10 15.87 -10.68
N GLY A 325 7.80 14.76 -10.52
CA GLY A 325 7.42 13.72 -9.60
C GLY A 325 7.12 12.41 -10.31
N ARG A 326 6.69 11.43 -9.52
CA ARG A 326 6.30 10.12 -10.02
C ARG A 326 4.80 9.94 -9.85
N VAL A 327 4.11 9.61 -10.94
CA VAL A 327 2.69 9.32 -10.93
C VAL A 327 2.51 7.82 -11.08
N GLU A 328 1.71 7.21 -10.19
CA GLU A 328 1.53 5.77 -10.16
C GLU A 328 0.04 5.47 -10.12
N VAL A 329 -0.45 4.76 -11.13
CA VAL A 329 -1.85 4.37 -11.22
C VAL A 329 -1.93 2.88 -11.51
N ARG A 330 -2.69 2.15 -10.70
CA ARG A 330 -2.89 0.72 -10.85
C ARG A 330 -4.34 0.49 -11.30
N ALA A 331 -4.50 -0.11 -12.48
CA ALA A 331 -5.82 -0.24 -13.07
C ALA A 331 -5.94 -1.56 -13.82
N MET A 332 -7.18 -2.05 -13.90
CA MET A 332 -7.55 -3.19 -14.74
C MET A 332 -8.38 -2.66 -15.90
N LEU A 333 -7.86 -2.83 -17.12
CA LEU A 333 -8.46 -2.19 -18.27
C LEU A 333 -9.79 -2.86 -18.64
N PRO A 334 -10.75 -2.08 -19.14
CA PRO A 334 -12.00 -2.66 -19.62
C PRO A 334 -11.82 -3.30 -20.99
N LYS A 335 -12.44 -4.46 -21.19
CA LYS A 335 -12.28 -5.22 -22.40
C LYS A 335 -13.37 -4.88 -23.42
N GLY A 336 -12.97 -4.82 -24.69
CA GLY A 336 -13.94 -4.64 -25.76
C GLY A 336 -13.52 -3.70 -26.86
N ARG A 337 -13.71 -4.13 -28.11
CA ARG A 337 -13.41 -3.29 -29.25
C ARG A 337 -14.29 -2.05 -29.24
N GLY A 338 -13.67 -0.88 -29.47
CA GLY A 338 -14.36 0.38 -29.45
C GLY A 338 -14.11 1.22 -28.21
N LEU A 339 -13.57 0.61 -27.16
CA LEU A 339 -13.26 1.34 -25.94
C LEU A 339 -11.95 2.11 -26.08
N TRP A 340 -11.81 3.17 -25.29
CA TRP A 340 -10.61 3.98 -25.27
C TRP A 340 -10.37 4.50 -23.86
N PRO A 341 -9.96 3.61 -22.95
CA PRO A 341 -9.57 4.08 -21.61
C PRO A 341 -8.26 4.85 -21.66
N ALA A 342 -8.12 5.80 -20.74
CA ALA A 342 -6.97 6.68 -20.76
C ALA A 342 -6.59 7.11 -19.36
N ILE A 343 -5.29 7.09 -19.07
CA ILE A 343 -4.71 7.71 -17.89
C ILE A 343 -3.69 8.72 -18.39
N TRP A 344 -3.93 10.00 -18.11
CA TRP A 344 -3.13 11.04 -18.73
C TRP A 344 -3.16 12.29 -17.86
N ALA A 345 -2.37 13.28 -18.26
CA ALA A 345 -2.20 14.50 -17.49
C ALA A 345 -2.16 15.71 -18.42
N LEU A 346 -2.88 16.77 -18.04
CA LEU A 346 -2.97 18.02 -18.76
C LEU A 346 -2.49 19.18 -17.88
N PRO A 347 -1.98 20.25 -18.47
CA PRO A 347 -1.55 21.40 -17.67
C PRO A 347 -2.74 22.13 -17.06
N THR A 348 -2.55 22.63 -15.84
CA THR A 348 -3.64 23.28 -15.12
C THR A 348 -3.82 24.72 -15.57
N ASP A 349 -2.73 25.49 -15.64
CA ASP A 349 -2.79 26.90 -15.96
C ASP A 349 -2.57 27.20 -17.45
N SER A 350 -2.10 26.22 -18.23
CA SER A 350 -1.85 26.42 -19.65
C SER A 350 -1.08 27.72 -19.89
N LYS A 351 0.09 27.80 -19.23
CA LYS A 351 0.90 29.02 -19.31
C LYS A 351 1.47 29.23 -20.71
N TYR A 352 1.79 28.15 -21.42
CA TYR A 352 2.38 28.28 -22.74
C TYR A 352 1.36 28.56 -23.82
N GLY A 353 0.08 28.27 -23.57
CA GLY A 353 -0.96 28.49 -24.55
C GLY A 353 -1.98 27.37 -24.59
N SER A 354 -2.92 27.44 -25.53
CA SER A 354 -3.90 26.39 -25.67
C SER A 354 -3.25 25.10 -26.18
N TRP A 355 -3.98 24.00 -26.05
CA TRP A 355 -3.51 22.72 -26.54
C TRP A 355 -3.15 22.83 -28.03
N PRO A 356 -2.05 22.22 -28.48
CA PRO A 356 -1.12 21.41 -27.71
C PRO A 356 0.14 22.17 -27.28
N LYS A 357 0.07 23.50 -27.30
CA LYS A 357 1.26 24.30 -27.06
C LYS A 357 1.82 24.08 -25.66
N SER A 358 0.94 24.06 -24.66
CA SER A 358 1.39 23.84 -23.28
C SER A 358 1.70 22.38 -22.98
N GLY A 359 1.20 21.45 -23.79
CA GLY A 359 1.63 20.07 -23.72
C GLY A 359 0.58 19.15 -23.16
N GLU A 360 0.89 17.86 -23.25
CA GLU A 360 0.02 16.80 -22.75
C GLU A 360 0.87 15.56 -22.52
N ILE A 361 0.55 14.81 -21.46
CA ILE A 361 1.24 13.57 -21.12
C ILE A 361 0.20 12.48 -20.98
N ASP A 362 0.39 11.38 -21.71
CA ASP A 362 -0.51 10.22 -21.67
C ASP A 362 0.23 9.08 -20.97
N ILE A 363 -0.09 8.86 -19.69
CA ILE A 363 0.55 7.78 -18.95
C ILE A 363 0.11 6.43 -19.46
N MET A 364 -1.19 6.25 -19.70
CA MET A 364 -1.73 5.02 -20.22
C MET A 364 -2.79 5.33 -21.26
N GLU A 365 -2.71 4.68 -22.41
CA GLU A 365 -3.73 4.75 -23.44
C GLU A 365 -3.90 3.37 -24.04
N HIS A 366 -5.16 2.98 -24.27
CA HIS A 366 -5.46 1.65 -24.78
C HIS A 366 -6.66 1.73 -25.72
N VAL A 367 -6.56 1.00 -26.83
CA VAL A 367 -7.65 0.87 -27.79
C VAL A 367 -8.20 -0.54 -27.71
N GLY A 368 -9.53 -0.67 -27.76
CA GLY A 368 -10.14 -1.96 -27.56
C GLY A 368 -9.89 -2.96 -28.68
N PHE A 369 -9.71 -2.46 -29.90
CA PHE A 369 -9.54 -3.37 -31.04
C PHE A 369 -8.16 -4.00 -31.09
N ASP A 370 -7.17 -3.41 -30.40
CA ASP A 370 -5.82 -3.97 -30.31
C ASP A 370 -5.53 -4.26 -28.84
N PRO A 371 -5.78 -5.49 -28.37
CA PRO A 371 -5.68 -5.79 -26.95
C PRO A 371 -4.28 -6.12 -26.46
N ASP A 372 -3.28 -6.09 -27.33
CA ASP A 372 -1.92 -6.44 -26.95
C ASP A 372 -1.02 -5.23 -26.76
N SER A 373 -1.54 -4.01 -26.92
CA SER A 373 -0.72 -2.81 -26.87
C SER A 373 -1.29 -1.82 -25.86
N VAL A 374 -0.41 -1.28 -25.03
CA VAL A 374 -0.70 -0.14 -24.17
C VAL A 374 0.27 0.97 -24.52
N HIS A 375 -0.24 2.18 -24.72
CA HIS A 375 0.53 3.28 -25.26
C HIS A 375 0.81 4.35 -24.21
N GLY A 376 2.05 4.84 -24.19
CA GLY A 376 2.40 6.04 -23.48
C GLY A 376 2.84 7.09 -24.46
N THR A 377 2.35 8.32 -24.33
CA THR A 377 2.61 9.35 -25.32
C THR A 377 2.79 10.69 -24.63
N VAL A 378 3.63 11.54 -25.22
CA VAL A 378 3.72 12.94 -24.86
C VAL A 378 3.25 13.76 -26.06
N HIS A 379 2.62 14.89 -25.76
CA HIS A 379 2.13 15.81 -26.79
C HIS A 379 2.69 17.20 -26.49
N THR A 380 3.32 17.80 -27.48
CA THR A 380 3.90 19.13 -27.34
C THR A 380 3.47 19.99 -28.51
N GLU A 381 3.85 21.27 -28.45
CA GLU A 381 3.61 22.17 -29.58
C GLU A 381 4.32 21.68 -30.83
N LYS A 382 5.57 21.24 -30.69
CA LYS A 382 6.32 20.73 -31.82
C LYS A 382 5.93 19.29 -32.17
N PHE A 383 5.65 18.48 -31.15
CA PHE A 383 5.34 17.06 -31.33
C PHE A 383 3.94 16.78 -30.81
N ASN A 384 2.99 16.57 -31.72
CA ASN A 384 1.63 16.23 -31.34
C ASN A 384 1.02 15.32 -32.40
N HIS A 385 -0.14 14.76 -32.08
CA HIS A 385 -0.80 13.82 -32.98
C HIS A 385 -1.54 14.50 -34.13
N VAL A 386 -1.90 15.77 -33.98
CA VAL A 386 -2.60 16.48 -35.04
C VAL A 386 -1.72 16.57 -36.29
N ILE A 387 -0.46 16.96 -36.10
CA ILE A 387 0.50 17.01 -37.19
C ILE A 387 1.34 15.74 -37.30
N HIS A 388 0.96 14.68 -36.57
CA HIS A 388 1.61 13.36 -36.67
C HIS A 388 3.10 13.40 -36.29
N THR A 389 3.48 14.34 -35.42
CA THR A 389 4.85 14.41 -34.95
C THR A 389 4.99 14.00 -33.49
N GLN A 390 3.91 13.57 -32.85
CA GLN A 390 3.99 13.10 -31.47
C GLN A 390 4.93 11.91 -31.36
N VAL A 391 5.57 11.79 -30.20
CA VAL A 391 6.47 10.68 -29.91
C VAL A 391 5.84 9.85 -28.80
N GLY A 392 5.68 8.55 -29.06
CA GLY A 392 5.11 7.63 -28.10
C GLY A 392 5.56 6.22 -28.41
N LYS A 393 5.26 5.33 -27.47
CA LYS A 393 5.66 3.94 -27.62
C LYS A 393 4.53 3.03 -27.15
N ALA A 394 4.44 1.86 -27.78
CA ALA A 394 3.50 0.83 -27.39
C ALA A 394 4.26 -0.32 -26.73
N LEU A 395 3.59 -1.01 -25.81
CA LEU A 395 4.18 -2.15 -25.12
C LEU A 395 3.10 -3.19 -24.89
N LYS A 396 3.36 -4.42 -25.33
CA LYS A 396 2.41 -5.50 -25.12
C LYS A 396 2.26 -5.78 -23.63
N VAL A 397 1.01 -5.80 -23.17
CA VAL A 397 0.69 -6.08 -21.78
C VAL A 397 -0.15 -7.35 -21.73
N ASN A 398 0.29 -8.32 -20.93
CA ASN A 398 -0.39 -9.60 -20.82
C ASN A 398 -1.52 -9.52 -19.81
N ASN A 399 -2.67 -10.08 -20.18
CA ASN A 399 -3.86 -10.09 -19.33
C ASN A 399 -4.20 -8.70 -18.80
N PRO A 400 -4.45 -7.72 -19.69
CA PRO A 400 -4.77 -6.37 -19.20
C PRO A 400 -6.16 -6.22 -18.64
N TYR A 401 -7.10 -7.10 -19.02
CA TYR A 401 -8.48 -7.02 -18.55
C TYR A 401 -8.78 -7.96 -17.40
N THR A 402 -7.88 -8.87 -17.06
CA THR A 402 -8.12 -9.84 -16.01
C THR A 402 -7.39 -9.53 -14.71
N GLU A 403 -6.25 -8.84 -14.77
CA GLU A 403 -5.47 -8.54 -13.58
C GLU A 403 -4.96 -7.11 -13.67
N TYR A 404 -4.73 -6.52 -12.49
CA TYR A 404 -4.27 -5.14 -12.42
C TYR A 404 -2.84 -5.01 -12.93
N HIS A 405 -2.56 -3.87 -13.54
CA HIS A 405 -1.22 -3.47 -13.93
C HIS A 405 -0.99 -2.05 -13.43
N ILE A 406 0.27 -1.71 -13.20
CA ILE A 406 0.62 -0.39 -12.69
C ILE A 406 1.27 0.39 -13.81
N TYR A 407 0.58 1.44 -14.26
CA TYR A 407 1.07 2.35 -15.28
C TYR A 407 1.59 3.60 -14.58
N ALA A 408 2.81 4.00 -14.92
CA ALA A 408 3.48 5.03 -14.15
C ALA A 408 4.39 5.86 -15.05
N ILE A 409 4.62 7.10 -14.61
CA ILE A 409 5.57 8.00 -15.25
C ILE A 409 6.50 8.54 -14.18
N GLU A 410 7.75 8.79 -14.56
CA GLU A 410 8.72 9.47 -13.71
C GLU A 410 9.12 10.75 -14.44
N TRP A 411 8.69 11.88 -13.90
CA TRP A 411 8.78 13.18 -14.57
C TRP A 411 9.84 14.01 -13.87
N PHE A 412 10.95 14.26 -14.57
CA PHE A 412 12.06 15.03 -14.05
C PHE A 412 12.18 16.35 -14.81
N THR A 413 13.19 17.14 -14.43
CA THR A 413 13.46 18.38 -15.14
C THR A 413 13.91 18.11 -16.57
N ASP A 414 14.69 17.04 -16.77
CA ASP A 414 15.36 16.80 -18.04
C ASP A 414 14.65 15.79 -18.94
N HIS A 415 13.78 14.94 -18.39
CA HIS A 415 13.18 13.89 -19.20
C HIS A 415 11.92 13.38 -18.51
N ILE A 416 11.25 12.44 -19.18
CA ILE A 416 10.07 11.76 -18.65
C ILE A 416 10.20 10.28 -18.99
N ASP A 417 10.11 9.42 -17.99
CA ASP A 417 10.21 7.98 -18.17
C ASP A 417 8.84 7.34 -17.99
N PHE A 418 8.51 6.40 -18.88
CA PHE A 418 7.22 5.72 -18.87
C PHE A 418 7.41 4.28 -18.43
N PHE A 419 6.61 3.85 -17.46
CA PHE A 419 6.75 2.53 -16.85
C PHE A 419 5.45 1.76 -16.93
N ILE A 420 5.56 0.47 -17.27
CA ILE A 420 4.47 -0.49 -17.17
C ILE A 420 5.04 -1.70 -16.44
N ASP A 421 4.60 -1.92 -15.20
CA ASP A 421 5.11 -2.98 -14.34
C ASP A 421 6.63 -2.87 -14.19
N ASP A 422 7.05 -1.75 -13.60
CA ASP A 422 8.44 -1.37 -13.36
C ASP A 422 9.38 -1.60 -14.55
N GLN A 423 8.84 -1.60 -15.77
CA GLN A 423 9.65 -1.70 -16.98
C GLN A 423 9.55 -0.40 -17.75
N LYS A 424 10.71 0.22 -18.01
CA LYS A 424 10.77 1.49 -18.72
C LYS A 424 10.78 1.22 -20.22
N TYR A 425 9.70 1.61 -20.91
CA TYR A 425 9.56 1.39 -22.34
C TYR A 425 9.65 2.66 -23.17
N LEU A 426 9.66 3.83 -22.54
CA LEU A 426 9.72 5.08 -23.27
C LEU A 426 10.39 6.15 -22.43
N THR A 427 11.29 6.90 -23.05
CA THR A 427 11.96 8.03 -22.41
C THR A 427 11.85 9.24 -23.33
N PHE A 428 11.14 10.27 -22.87
CA PHE A 428 11.04 11.53 -23.60
C PHE A 428 11.94 12.55 -22.94
N LYS A 429 12.89 13.09 -23.70
CA LYS A 429 13.93 13.96 -23.17
C LYS A 429 13.65 15.41 -23.51
N ASN A 430 14.06 16.30 -22.60
CA ASN A 430 14.06 17.73 -22.86
C ASN A 430 15.22 18.06 -23.79
N THR A 431 14.90 18.57 -24.98
CA THR A 431 15.91 18.95 -25.96
C THR A 431 16.45 20.35 -25.73
N GLN A 432 15.98 21.05 -24.70
CA GLN A 432 16.45 22.39 -24.34
C GLN A 432 16.26 23.38 -25.48
N LYS A 433 15.23 23.16 -26.31
CA LYS A 433 14.92 24.06 -27.42
C LYS A 433 13.81 25.04 -27.09
N GLY A 434 13.21 24.94 -25.90
CA GLY A 434 12.15 25.85 -25.52
C GLY A 434 10.86 25.14 -25.15
N SER A 435 9.75 25.89 -25.17
CA SER A 435 8.47 25.30 -24.80
C SER A 435 7.93 24.38 -25.89
N GLY A 436 8.19 24.70 -27.15
CA GLY A 436 7.68 23.87 -28.23
C GLY A 436 8.15 22.43 -28.14
N ASP A 437 9.42 22.22 -27.78
CA ASP A 437 9.94 20.87 -27.64
C ASP A 437 9.65 20.30 -26.26
N TRP A 438 9.71 21.13 -25.23
CA TRP A 438 9.53 20.68 -23.85
C TRP A 438 8.67 21.69 -23.10
N PRO A 439 7.35 21.44 -22.99
CA PRO A 439 6.48 22.38 -22.28
C PRO A 439 5.94 21.80 -20.98
N PHE A 440 6.75 21.75 -19.93
CA PHE A 440 6.34 21.08 -18.70
C PHE A 440 6.75 21.89 -17.49
N ASP A 441 5.76 22.36 -16.74
CA ASP A 441 5.97 23.06 -15.48
C ASP A 441 4.92 22.78 -14.42
N GLN A 442 3.75 22.24 -14.78
CA GLN A 442 2.74 21.87 -13.80
C GLN A 442 1.47 21.37 -14.48
N ASN A 443 1.12 20.11 -14.26
CA ASN A 443 -0.01 19.47 -14.91
C ASN A 443 -0.95 18.89 -13.87
N PHE A 444 -2.04 18.27 -14.36
CA PHE A 444 -3.00 17.61 -13.50
C PHE A 444 -3.46 16.32 -14.18
N HIS A 445 -3.73 15.30 -13.37
CA HIS A 445 -4.11 13.97 -13.85
C HIS A 445 -5.58 13.91 -14.25
N ILE A 446 -5.88 13.01 -15.19
CA ILE A 446 -7.22 12.81 -15.71
C ILE A 446 -7.47 11.30 -15.85
N LEU A 447 -8.67 10.86 -15.47
CA LEU A 447 -9.09 9.48 -15.64
C LEU A 447 -10.40 9.45 -16.41
N ASN A 448 -10.44 8.67 -17.48
CA ASN A 448 -11.63 8.62 -18.32
C ASN A 448 -11.68 7.30 -19.07
N LEU A 449 -12.89 6.94 -19.50
CA LEU A 449 -13.14 5.80 -20.37
C LEU A 449 -13.97 6.31 -21.54
N ALA A 450 -13.33 6.48 -22.70
CA ALA A 450 -13.98 7.02 -23.88
C ALA A 450 -14.47 5.89 -24.78
N VAL A 451 -15.55 6.16 -25.51
CA VAL A 451 -16.14 5.22 -26.46
C VAL A 451 -15.96 5.78 -27.85
N GLY A 452 -15.50 4.94 -28.77
CA GLY A 452 -15.26 5.40 -30.13
C GLY A 452 -14.14 6.41 -30.19
N GLY A 453 -14.27 7.36 -31.12
CA GLY A 453 -13.29 8.40 -31.29
C GLY A 453 -12.41 8.17 -32.50
N ASN A 454 -11.65 9.21 -32.85
CA ASN A 454 -10.79 9.15 -34.02
C ASN A 454 -9.72 8.07 -33.92
N TRP A 455 -9.36 7.66 -32.70
CA TRP A 455 -8.45 6.54 -32.50
C TRP A 455 -9.21 5.27 -32.12
N GLY A 456 -10.00 5.33 -31.04
CA GLY A 456 -10.68 4.14 -30.53
C GLY A 456 -11.77 3.60 -31.42
N GLY A 457 -12.37 4.43 -32.27
CA GLY A 457 -13.50 4.03 -33.08
C GLY A 457 -13.20 3.58 -34.49
N LYS A 458 -11.93 3.48 -34.88
CA LYS A 458 -11.59 3.18 -36.27
C LYS A 458 -12.15 1.83 -36.71
N LYS A 459 -12.30 0.89 -35.79
CA LYS A 459 -12.84 -0.43 -36.10
C LYS A 459 -14.28 -0.57 -35.62
N GLY A 460 -14.95 0.52 -35.27
CA GLY A 460 -16.30 0.44 -34.78
C GLY A 460 -16.36 0.14 -33.29
N VAL A 461 -17.58 -0.05 -32.82
CA VAL A 461 -17.85 -0.31 -31.40
C VAL A 461 -18.64 -1.60 -31.31
N ASP A 462 -18.04 -2.61 -30.70
CA ASP A 462 -18.77 -3.84 -30.38
C ASP A 462 -19.82 -3.49 -29.33
N ASP A 463 -21.06 -3.27 -29.77
CA ASP A 463 -22.11 -2.78 -28.87
C ASP A 463 -22.50 -3.78 -27.78
N ALA A 464 -21.87 -4.95 -27.73
CA ALA A 464 -22.19 -5.95 -26.72
C ALA A 464 -21.27 -5.89 -25.50
N ILE A 465 -20.15 -5.19 -25.60
CA ILE A 465 -19.19 -5.12 -24.50
C ILE A 465 -19.72 -4.35 -23.30
N PHE A 466 -20.85 -3.66 -23.46
CA PHE A 466 -21.40 -2.82 -22.41
C PHE A 466 -22.26 -3.65 -21.46
N PRO A 467 -22.31 -3.27 -20.17
CA PRO A 467 -21.55 -2.16 -19.58
C PRO A 467 -20.08 -2.51 -19.35
N ALA A 468 -19.19 -1.60 -19.76
CA ALA A 468 -17.75 -1.79 -19.66
C ALA A 468 -17.20 -0.97 -18.51
N THR A 469 -16.49 -1.64 -17.60
CA THR A 469 -15.99 -1.02 -16.38
C THR A 469 -14.47 -0.98 -16.40
N MET A 470 -13.92 0.22 -16.17
CA MET A 470 -12.49 0.37 -15.89
C MET A 470 -12.33 0.50 -14.39
N LYS A 471 -11.52 -0.39 -13.81
CA LYS A 471 -11.29 -0.42 -12.36
C LYS A 471 -9.89 0.11 -12.07
N VAL A 472 -9.82 1.16 -11.25
CA VAL A 472 -8.57 1.75 -10.83
C VAL A 472 -8.39 1.48 -9.35
N ASP A 473 -7.32 0.75 -9.00
CA ASP A 473 -7.06 0.45 -7.60
C ASP A 473 -6.72 1.71 -6.83
N TYR A 474 -5.83 2.54 -7.36
CA TYR A 474 -5.39 3.74 -6.66
C TYR A 474 -4.75 4.69 -7.66
N VAL A 475 -4.58 5.94 -7.22
CA VAL A 475 -3.80 6.94 -7.93
C VAL A 475 -2.85 7.58 -6.93
N ARG A 476 -1.54 7.40 -7.12
CA ARG A 476 -0.53 7.91 -6.22
C ARG A 476 0.43 8.80 -6.98
N VAL A 477 0.85 9.90 -6.34
CA VAL A 477 1.79 10.85 -6.92
C VAL A 477 2.91 11.09 -5.90
N PHE A 478 4.13 10.73 -6.28
CA PHE A 478 5.31 10.95 -5.45
C PHE A 478 6.08 12.17 -5.97
N GLN A 479 6.94 12.70 -5.10
CA GLN A 479 7.82 13.80 -5.46
C GLN A 479 9.07 13.74 -4.60
N LYS A 480 10.17 14.26 -5.15
CA LYS A 480 11.46 14.24 -4.45
C LYS A 480 11.64 15.49 -3.61
#